data_9EC4
#
_entry.id   9EC4
#
_cell.length_a   109.654
_cell.length_b   69.270
_cell.length_c   82.099
_cell.angle_alpha   90.00
_cell.angle_beta   90.00
_cell.angle_gamma   90.00
#
_symmetry.space_group_name_H-M   'P 21 21 2'
#
loop_
_entity.id
_entity.type
_entity.pdbx_description
1 polymer 'RNA (81-MER)'
2 non-polymer 1,2-dimethoxy-12-methyl[1,3]benzodioxolo[5,6-c]phenanthridin-12-ium
3 non-polymer 'BARIUM ION'
4 non-polymer 'POTASSIUM ION'
5 non-polymer 'MAGNESIUM ION'
6 water water
#
_entity_poly.entity_id   1
_entity_poly.type   'polyribonucleotide'
_entity_poly.pdbx_seq_one_letter_code
;(GDP)GAUGAAAAAACACGAUUCGGUUGGUAGUCCGGAUGCCGAAAGGUCAGUAACCUUCCACGAAAGUGGAUGUCCAUC
AUCCA
;
_entity_poly.pdbx_strand_id   M,A
#